data_2DCX
#
_entry.id   2DCX
#
_cell.length_a   1.000
_cell.length_b   1.000
_cell.length_c   1.000
_cell.angle_alpha   90.00
_cell.angle_beta   90.00
_cell.angle_gamma   90.00
#
_symmetry.space_group_name_H-M   'P 1'
#
loop_
_entity.id
_entity.type
_entity.pdbx_description
1 polymer Dermaseptin-4
2 non-polymer '12-AMINO-DODECANOIC ACID'
#
_entity_poly.entity_id   1
_entity_poly.type   'polypeptide(L)'
_entity_poly.pdbx_seq_one_letter_code
;ALWKTLLKKVLKA(NH2)
;
_entity_poly.pdbx_strand_id   A
#
loop_
_chem_comp.id
_chem_comp.type
_chem_comp.name
_chem_comp.formula
NH2 non-polymer 'AMINO GROUP' 'H2 N'
#
# COMPACT_ATOMS: atom_id res chain seq x y z
N ALA A 1 5.43 6.52 6.26
CA ALA A 1 4.53 7.64 6.68
C ALA A 1 3.16 7.47 6.05
N LEU A 2 2.58 6.29 6.17
CA LEU A 2 1.22 5.99 5.59
C LEU A 2 1.29 5.47 4.16
N TRP A 3 2.08 4.46 3.91
CA TRP A 3 2.13 3.90 2.54
C TRP A 3 2.06 2.37 2.59
N LYS A 4 2.73 1.75 3.50
CA LYS A 4 2.67 0.29 3.60
C LYS A 4 1.21 -0.17 3.54
N THR A 5 0.31 0.70 3.93
CA THR A 5 -1.14 0.36 3.89
C THR A 5 -1.73 0.70 2.52
N LEU A 6 -0.91 1.06 1.57
CA LEU A 6 -1.40 1.38 0.20
C LEU A 6 -1.14 0.19 -0.69
N LEU A 7 -0.07 -0.50 -0.42
CA LEU A 7 0.24 -1.73 -1.21
C LEU A 7 0.21 -2.92 -0.27
N LYS A 8 -0.73 -2.94 0.63
CA LYS A 8 -0.86 -4.08 1.57
C LYS A 8 -1.01 -5.39 0.78
N LYS A 9 -1.26 -5.27 -0.50
CA LYS A 9 -1.43 -6.47 -1.36
C LYS A 9 -1.96 -6.02 -2.72
N VAL A 10 -2.51 -4.84 -2.79
CA VAL A 10 -3.06 -4.30 -4.05
C VAL A 10 -1.94 -3.79 -4.97
N LEU A 11 -0.70 -4.13 -4.69
CA LEU A 11 0.41 -3.64 -5.55
C LEU A 11 0.19 -2.16 -5.85
N LYS A 12 0.28 -1.33 -4.85
CA LYS A 12 0.07 0.12 -5.04
C LYS A 12 -1.32 0.37 -5.64
N ALA A 13 -2.29 0.68 -4.82
CA ALA A 13 -3.70 0.92 -5.31
C ALA A 13 -4.70 1.80 -4.37
N NH2 A 14 -5.73 2.18 -4.73
HN1 NH2 A 14 -5.82 2.83 -5.40
HN2 NH2 A 14 -6.41 1.81 -4.12
N DOA B . 3.18 10.44 1.99
C1 DOA B . 2.35 10.80 0.68
C2 DOA B . 3.18 11.22 -0.57
C3 DOA B . 4.09 12.51 -0.39
C4 DOA B . 5.64 12.26 -0.60
C5 DOA B . 6.33 11.37 0.53
C6 DOA B . 6.37 9.79 0.23
C7 DOA B . 5.49 8.87 1.17
C8 DOA B . 6.07 7.39 1.38
C9 DOA B . 7.29 7.30 2.39
C10 DOA B . 7.51 5.89 3.10
CA2 DOA B . 7.04 5.84 4.63
C DOA B . 5.67 6.43 4.93
O DOA B . 5.13 7.21 4.18
H2 DOA B . 3.68 11.38 2.36
H DOA B . 2.40 10.22 2.81
HA1 DOA B . 1.61 11.64 0.91
HA2 DOA B . 1.71 9.91 0.42
H21 DOA B . 3.79 10.36 -0.90
H22 DOA B . 2.47 11.40 -1.42
H31 DOA B . 3.93 12.98 0.60
H32 DOA B . 3.77 13.29 -1.15
H41 DOA B . 6.16 13.27 -0.63
H42 DOA B . 5.81 11.82 -1.61
H51 DOA B . 7.40 11.71 0.62
H52 DOA B . 5.88 11.59 1.51
H61 DOA B . 7.41 9.44 0.36
H62 DOA B . 6.08 9.57 -0.80
H71 DOA B . 4.35 8.84 0.85
H72 DOA B . 5.19 9.37 2.20
H81 DOA B . 6.33 6.96 0.41
H82 DOA B . 5.22 6.72 1.79
H91 DOA B . 8.21 7.56 1.81
H92 DOA B . 7.19 8.09 3.17
H101 DOA B . 6.98 5.09 2.53
H102 DOA B . 8.60 5.63 3.06
HA21 DOA B . 7.04 4.78 4.96
HA22 DOA B . 7.78 6.39 5.24
N ALA A 1 5.16 6.64 6.49
CA ALA A 1 4.15 7.73 6.77
C ALA A 1 2.81 7.41 6.12
N LEU A 2 2.34 6.19 6.29
CA LEU A 2 1.03 5.75 5.69
C LEU A 2 1.16 5.35 4.22
N TRP A 3 1.98 4.37 3.93
CA TRP A 3 2.12 3.92 2.51
C TRP A 3 2.04 2.40 2.44
N LYS A 4 2.69 1.70 3.33
CA LYS A 4 2.64 0.24 3.30
C LYS A 4 1.18 -0.20 3.41
N THR A 5 0.34 0.68 3.90
CA THR A 5 -1.09 0.39 3.98
C THR A 5 -1.73 0.71 2.62
N LEU A 6 -0.91 1.07 1.65
CA LEU A 6 -1.41 1.38 0.29
C LEU A 6 -1.13 0.19 -0.60
N LEU A 7 -0.05 -0.50 -0.34
CA LEU A 7 0.27 -1.71 -1.13
C LEU A 7 0.22 -2.93 -0.21
N LYS A 8 -0.74 -2.96 0.68
CA LYS A 8 -0.89 -4.11 1.60
C LYS A 8 -1.07 -5.39 0.79
N LYS A 9 -1.27 -5.28 -0.50
CA LYS A 9 -1.47 -6.46 -1.38
C LYS A 9 -1.98 -6.00 -2.73
N VAL A 10 -2.51 -4.80 -2.80
CA VAL A 10 -3.04 -4.25 -4.07
C VAL A 10 -1.89 -3.77 -4.97
N LEU A 11 -0.66 -4.11 -4.66
CA LEU A 11 0.47 -3.66 -5.50
C LEU A 11 0.30 -2.17 -5.84
N LYS A 12 0.33 -1.33 -4.85
CA LYS A 12 0.13 0.13 -5.10
C LYS A 12 -1.21 0.40 -5.75
N ALA A 13 -2.11 -0.55 -5.76
CA ALA A 13 -3.47 -0.31 -6.43
C ALA A 13 -4.89 -0.33 -5.63
N NH2 A 14 -5.59 0.55 -5.58
HN1 NH2 A 14 -5.33 1.44 -5.36
HN2 NH2 A 14 -6.50 0.21 -5.79
N DOA B . 3.28 10.37 1.78
C1 DOA B . 3.78 11.56 2.74
C2 DOA B . 4.61 12.76 2.04
C3 DOA B . 6.03 13.07 2.70
C4 DOA B . 7.25 12.29 2.05
C5 DOA B . 7.22 10.72 2.26
C6 DOA B . 6.55 9.89 1.09
C7 DOA B . 5.56 8.75 1.59
C8 DOA B . 6.20 7.31 1.74
C9 DOA B . 7.38 7.23 2.79
C10 DOA B . 7.52 5.86 3.58
CA2 DOA B . 6.90 5.86 5.07
C DOA B . 5.54 6.54 5.21
O DOA B . 5.06 7.28 4.39
H2 DOA B . 2.18 10.14 2.04
H DOA B . 3.22 10.75 0.72
HA1 DOA B . 4.35 11.13 3.57
HA2 DOA B . 2.87 12.03 3.25
H21 DOA B . 4.75 12.57 0.96
H22 DOA B . 3.99 13.70 2.10
H31 DOA B . 6.00 12.88 3.79
H32 DOA B . 6.24 14.17 2.59
H41 DOA B . 8.20 12.70 2.51
H42 DOA B . 7.31 12.54 0.96
H51 DOA B . 8.28 10.36 2.37
H52 DOA B . 6.74 10.50 3.25
H61 DOA B . 7.31 9.42 0.45
H62 DOA B . 5.96 10.55 0.42
H71 DOA B . 4.58 8.72 0.94
H72 DOA B . 4.96 9.07 2.52
H81 DOA B . 6.52 6.94 0.74
H82 DOA B . 5.37 6.59 2.06
H91 DOA B . 8.32 7.43 2.22
H92 DOA B . 7.28 8.05 3.53
H101 DOA B . 7.07 5.03 2.97
H102 DOA B . 8.62 5.59 3.66
HA21 DOA B . 6.81 4.80 5.40
HA22 DOA B . 7.62 6.38 5.73
N ALA A 1 5.42 6.72 6.43
CA ALA A 1 4.29 7.57 7.04
C ALA A 1 2.92 6.90 6.81
N LEU A 2 2.35 7.04 5.65
CA LEU A 2 1.04 6.39 5.39
C LEU A 2 1.06 5.73 4.02
N TRP A 3 1.90 4.75 3.83
CA TRP A 3 1.95 4.08 2.50
C TRP A 3 2.01 2.55 2.63
N LYS A 4 2.86 2.05 3.50
CA LYS A 4 3.00 0.58 3.67
C LYS A 4 1.64 -0.13 3.56
N THR A 5 0.58 0.53 3.90
CA THR A 5 -0.76 -0.10 3.79
C THR A 5 -1.26 0.02 2.35
N LEU A 6 -1.13 1.17 1.77
CA LEU A 6 -1.60 1.38 0.35
C LEU A 6 -1.27 0.16 -0.51
N LEU A 7 -0.14 -0.45 -0.26
CA LEU A 7 0.22 -1.67 -1.04
C LEU A 7 0.09 -2.89 -0.13
N LYS A 8 -0.96 -2.93 0.64
CA LYS A 8 -1.19 -4.07 1.55
C LYS A 8 -1.37 -5.36 0.75
N LYS A 9 -1.46 -5.25 -0.55
CA LYS A 9 -1.65 -6.45 -1.43
C LYS A 9 -2.08 -5.98 -2.81
N VAL A 10 -2.57 -4.78 -2.91
CA VAL A 10 -3.01 -4.23 -4.22
C VAL A 10 -1.82 -3.83 -5.08
N LEU A 11 -0.61 -4.21 -4.71
CA LEU A 11 0.57 -3.82 -5.53
C LEU A 11 0.47 -2.35 -5.92
N LYS A 12 0.37 -1.48 -4.94
CA LYS A 12 0.24 -0.03 -5.23
C LYS A 12 -1.08 0.28 -5.94
N ALA A 13 -1.96 -0.66 -6.06
CA ALA A 13 -3.24 -0.38 -6.83
C ALA A 13 -4.59 -0.10 -6.12
N NH2 A 14 -4.84 0.90 -5.45
HN1 NH2 A 14 -4.15 1.38 -4.84
HN2 NH2 A 14 -5.67 1.18 -5.57
N DOA B . 1.96 10.19 2.55
C1 DOA B . 2.13 11.21 3.79
C2 DOA B . 2.31 12.76 3.41
C3 DOA B . 3.79 13.33 3.48
C4 DOA B . 4.92 12.41 2.89
C5 DOA B . 4.70 11.95 1.38
C6 DOA B . 5.32 10.56 1.05
C7 DOA B . 4.57 9.32 1.69
C8 DOA B . 5.43 7.96 1.63
C9 DOA B . 6.77 7.98 2.49
C10 DOA B . 7.24 6.57 3.05
CA2 DOA B . 6.91 6.29 4.58
C DOA B . 5.53 6.77 5.09
O DOA B . 4.77 7.43 4.46
H2 DOA B . 1.06 9.53 2.80
H DOA B . 1.64 10.73 1.63
HA1 DOA B . 2.95 10.90 4.45
HA2 DOA B . 1.21 11.14 4.44
H21 DOA B . 1.87 12.99 2.41
H22 DOA B . 1.68 13.38 4.13
H31 DOA B . 4.03 13.54 4.56
H32 DOA B . 3.82 14.32 2.96
H41 DOA B . 5.06 11.53 3.55
H42 DOA B . 5.88 12.97 2.94
H51 DOA B . 3.63 11.93 1.13
H52 DOA B . 5.16 12.71 0.71
H61 DOA B . 6.38 10.56 1.37
H62 DOA B . 5.32 10.42 -0.06
H71 DOA B . 3.50 9.16 1.22
H72 DOA B . 4.10 9.49 2.75
H81 DOA B . 4.79 7.11 1.97
H82 DOA B . 5.70 7.73 0.55
H91 DOA B . 7.60 8.39 1.85
H92 DOA B . 6.65 8.69 3.35
H101 DOA B . 6.81 5.75 2.41
H102 DOA B . 8.36 6.48 2.92
HA21 DOA B . 6.97 5.19 4.79
HA22 DOA B . 7.68 6.78 5.21
N ALA A 1 5.35 6.53 6.52
CA ALA A 1 4.38 7.68 6.68
C ALA A 1 3.02 7.36 6.03
N LEU A 2 2.48 6.19 6.31
CA LEU A 2 1.16 5.77 5.75
C LEU A 2 1.28 5.36 4.27
N TRP A 3 2.10 4.38 3.99
CA TRP A 3 2.26 3.91 2.58
C TRP A 3 2.13 2.39 2.52
N LYS A 4 2.66 1.69 3.49
CA LYS A 4 2.58 0.22 3.48
C LYS A 4 1.11 -0.21 3.53
N THR A 5 0.25 0.68 3.98
CA THR A 5 -1.20 0.38 3.98
C THR A 5 -1.79 0.76 2.61
N LEU A 6 -0.94 1.11 1.65
CA LEU A 6 -1.40 1.48 0.28
C LEU A 6 -1.15 0.28 -0.63
N LEU A 7 -0.05 -0.39 -0.42
CA LEU A 7 0.28 -1.61 -1.22
C LEU A 7 0.28 -2.83 -0.29
N LYS A 8 -0.68 -2.89 0.61
CA LYS A 8 -0.78 -4.03 1.55
C LYS A 8 -0.96 -5.36 0.79
N LYS A 9 -1.24 -5.28 -0.48
CA LYS A 9 -1.45 -6.49 -1.34
C LYS A 9 -1.95 -6.06 -2.72
N VAL A 10 -2.54 -4.89 -2.79
CA VAL A 10 -3.08 -4.37 -4.09
C VAL A 10 -1.96 -3.92 -5.04
N LEU A 11 -0.70 -4.17 -4.72
CA LEU A 11 0.42 -3.73 -5.60
C LEU A 11 0.17 -2.27 -6.01
N LYS A 12 0.10 -1.40 -5.02
CA LYS A 12 -0.17 0.05 -5.26
C LYS A 12 -1.60 0.28 -5.78
N ALA A 13 -1.89 -0.16 -6.99
CA ALA A 13 -3.26 0.00 -7.57
C ALA A 13 -3.60 1.49 -7.74
N NH2 A 14 -3.47 2.05 -8.91
HN1 NH2 A 14 -3.17 1.52 -9.67
HN2 NH2 A 14 -3.69 3.00 -9.03
N DOA B . 3.15 9.68 1.59
C1 DOA B . 2.74 10.06 0.09
C2 DOA B . 3.11 11.52 -0.41
C3 DOA B . 4.39 11.62 -1.34
C4 DOA B . 5.66 10.79 -0.95
C5 DOA B . 6.20 11.03 0.51
C6 DOA B . 6.75 9.75 1.23
C7 DOA B . 5.71 8.57 1.56
C8 DOA B . 6.44 7.17 1.77
C9 DOA B . 7.50 7.15 2.95
C10 DOA B . 7.67 5.76 3.69
CA2 DOA B . 7.06 5.72 5.13
C DOA B . 5.63 6.25 5.24
O DOA B . 5.08 6.86 4.38
H2 DOA B . 3.47 10.60 2.15
H DOA B . 2.21 9.34 2.13
HA1 DOA B . 1.62 9.95 0.01
HA2 DOA B . 3.12 9.31 -0.65
H21 DOA B . 2.24 11.92 -1.00
H22 DOA B . 3.22 12.21 0.45
H31 DOA B . 4.69 12.71 -1.41
H32 DOA B . 4.09 11.34 -2.39
H41 DOA B . 6.48 11.05 -1.67
H42 DOA B . 5.47 9.71 -1.12
H51 DOA B . 7.03 11.78 0.46
H52 DOA B . 5.43 11.49 1.14
H61 DOA B . 7.22 10.07 2.18
H62 DOA B . 7.56 9.33 0.58
H71 DOA B . 4.82 8.45 0.84
H72 DOA B . 4.99 8.80 2.46
H81 DOA B . 5.68 6.38 1.96
H82 DOA B . 6.96 6.87 0.81
H91 DOA B . 8.50 7.46 2.54
H92 DOA B . 7.23 7.93 3.71
H101 DOA B . 7.22 4.95 3.08
H102 DOA B . 8.77 5.52 3.77
HA21 DOA B . 7.07 4.67 5.51
HA22 DOA B . 7.71 6.33 5.82
N ALA A 1 5.11 6.62 6.56
CA ALA A 1 4.12 7.72 6.79
C ALA A 1 2.79 7.41 6.08
N LEU A 2 2.31 6.19 6.25
CA LEU A 2 1.00 5.77 5.63
C LEU A 2 1.16 5.35 4.17
N TRP A 3 1.97 4.36 3.91
CA TRP A 3 2.13 3.89 2.51
C TRP A 3 2.03 2.37 2.44
N LYS A 4 2.66 1.68 3.35
CA LYS A 4 2.60 0.22 3.32
C LYS A 4 1.14 -0.20 3.41
N THR A 5 0.32 0.69 3.88
CA THR A 5 -1.14 0.42 3.94
C THR A 5 -1.74 0.71 2.56
N LEU A 6 -0.91 1.07 1.61
CA LEU A 6 -1.39 1.38 0.24
C LEU A 6 -1.11 0.16 -0.63
N LEU A 7 -0.03 -0.52 -0.35
CA LEU A 7 0.30 -1.74 -1.13
C LEU A 7 0.25 -2.96 -0.21
N LYS A 8 -0.70 -2.97 0.68
CA LYS A 8 -0.85 -4.12 1.61
C LYS A 8 -1.03 -5.41 0.79
N LYS A 9 -1.26 -5.27 -0.49
CA LYS A 9 -1.46 -6.45 -1.37
C LYS A 9 -1.98 -5.98 -2.72
N VAL A 10 -2.51 -4.79 -2.76
CA VAL A 10 -3.04 -4.23 -4.03
C VAL A 10 -1.90 -3.74 -4.93
N LEU A 11 -0.68 -4.08 -4.63
CA LEU A 11 0.45 -3.61 -5.47
C LEU A 11 0.24 -2.13 -5.81
N LYS A 12 0.25 -1.29 -4.80
CA LYS A 12 0.03 0.16 -5.03
C LYS A 12 -1.36 0.41 -5.61
N ALA A 13 -1.59 0.02 -6.83
CA ALA A 13 -2.92 0.23 -7.46
C ALA A 13 -3.29 1.71 -7.44
N NH2 A 14 -4.08 2.22 -8.40
HN1 NH2 A 14 -3.64 2.79 -9.08
HN2 NH2 A 14 -5.00 2.02 -8.41
N DOA B . 3.26 10.28 1.75
C1 DOA B . 3.36 11.18 3.09
C2 DOA B . 3.70 12.72 2.86
C3 DOA B . 5.24 13.08 2.94
C4 DOA B . 6.15 12.42 1.80
C5 DOA B . 6.85 11.01 2.19
C6 DOA B . 6.65 9.80 1.15
C7 DOA B . 5.62 8.66 1.60
C8 DOA B . 6.24 7.21 1.77
C9 DOA B . 7.43 7.14 2.84
C10 DOA B . 7.55 5.76 3.65
CA2 DOA B . 6.90 5.79 5.09
C DOA B . 5.54 6.49 5.17
O DOA B . 5.10 7.24 4.33
H2 DOA B . 2.19 9.97 1.58
H DOA B . 3.56 10.86 0.85
HA1 DOA B . 4.11 10.74 3.79
HA2 DOA B . 2.38 11.11 3.63
H21 DOA B . 3.31 13.06 1.88
H22 DOA B . 3.16 13.33 3.64
H31 DOA B . 5.62 12.80 3.95
H32 DOA B . 5.33 14.21 2.87
H41 DOA B . 6.96 13.15 1.52
H42 DOA B . 5.53 12.32 0.88
H51 DOA B . 7.96 11.20 2.31
H52 DOA B . 6.53 10.68 3.21
H61 DOA B . 7.65 9.33 0.95
H62 DOA B . 6.33 10.20 0.15
H71 DOA B . 4.68 8.62 0.91
H72 DOA B . 4.99 8.94 2.53
H81 DOA B . 5.42 6.50 2.06
H82 DOA B . 6.61 6.87 0.77
H91 DOA B . 8.39 7.32 2.30
H92 DOA B . 7.33 7.98 3.58
H101 DOA B . 7.08 4.94 3.05
H102 DOA B . 8.63 5.48 3.76
HA21 DOA B . 6.76 4.75 5.48
HA22 DOA B . 7.57 6.33 5.79
N ALA A 1 5.19 6.75 6.74
CA ALA A 1 4.05 7.67 7.22
C ALA A 1 2.70 7.02 6.92
N LEU A 2 2.24 7.08 5.70
CA LEU A 2 0.93 6.46 5.37
C LEU A 2 1.02 5.77 4.01
N TRP A 3 1.84 4.76 3.89
CA TRP A 3 1.98 4.05 2.59
C TRP A 3 2.03 2.53 2.77
N LYS A 4 2.76 2.06 3.75
CA LYS A 4 2.87 0.60 3.99
C LYS A 4 1.52 -0.08 3.78
N THR A 5 0.45 0.62 3.97
CA THR A 5 -0.88 0.02 3.72
C THR A 5 -1.23 0.12 2.24
N LEU A 6 -1.00 1.27 1.64
CA LEU A 6 -1.30 1.46 0.18
C LEU A 6 -0.97 0.21 -0.62
N LEU A 7 0.07 -0.48 -0.27
CA LEU A 7 0.43 -1.73 -0.98
C LEU A 7 0.20 -2.92 -0.07
N LYS A 8 -0.92 -2.93 0.60
CA LYS A 8 -1.25 -4.01 1.53
C LYS A 8 -1.35 -5.34 0.80
N LYS A 9 -1.39 -5.30 -0.51
CA LYS A 9 -1.51 -6.53 -1.33
C LYS A 9 -1.91 -6.11 -2.71
N VAL A 10 -2.64 -5.01 -2.77
CA VAL A 10 -3.09 -4.46 -4.06
C VAL A 10 -1.94 -4.60 -5.09
N LEU A 11 -1.11 -3.60 -5.16
CA LEU A 11 0.03 -3.60 -6.11
C LEU A 11 0.70 -2.24 -6.06
N LYS A 12 1.03 -1.76 -4.88
CA LYS A 12 1.62 -0.39 -4.78
C LYS A 12 0.58 0.62 -5.27
N ALA A 13 -0.70 0.26 -5.20
CA ALA A 13 -1.85 1.19 -5.69
C ALA A 13 -1.81 2.33 -4.62
N NH2 A 14 -2.85 3.22 -5.02
HN1 NH2 A 14 -3.69 2.88 -5.57
HN2 NH2 A 14 -2.81 4.24 -4.80
N DOA B . 2.32 10.38 2.51
C1 DOA B . 1.34 10.39 1.23
C2 DOA B . 1.53 11.57 0.17
C3 DOA B . 3.01 11.89 -0.29
C4 DOA B . 3.84 10.64 -0.86
C5 DOA B . 5.33 10.50 -0.31
C6 DOA B . 5.51 10.38 1.23
C7 DOA B . 4.76 9.15 1.90
C8 DOA B . 5.63 7.80 1.90
C9 DOA B . 6.91 7.85 2.85
C10 DOA B . 7.31 6.45 3.52
CA2 DOA B . 6.83 6.24 5.04
C DOA B . 5.44 6.79 5.39
O DOA B . 4.79 7.47 4.67
H2 DOA B . 2.77 11.40 2.63
H DOA B . 1.66 10.25 3.43
HA1 DOA B . 0.26 10.45 1.59
HA2 DOA B . 1.39 9.43 0.70
H21 DOA B . 0.92 11.34 -0.73
H22 DOA B . 1.10 12.52 0.61
H31 DOA B . 3.55 12.37 0.54
H32 DOA B . 2.96 12.67 -1.09
H41 DOA B . 3.90 10.74 -1.97
H42 DOA B . 3.29 9.69 -0.69
H51 DOA B . 5.79 9.59 -0.78
H52 DOA B . 5.92 11.38 -0.67
H61 DOA B . 5.16 11.31 1.76
H62 DOA B . 6.60 10.33 1.47
H71 DOA B . 3.72 8.97 1.48
H72 DOA B . 4.36 9.45 2.93
H81 DOA B . 4.95 6.97 2.26
H82 DOA B . 5.92 7.53 0.88
H91 DOA B . 7.77 8.20 2.24
H92 DOA B . 6.78 8.60 3.66
H101 DOA B . 6.94 5.61 2.88
H102 DOA B . 8.44 6.35 3.49
HA21 DOA B . 6.84 5.15 5.27
HA22 DOA B . 7.56 6.74 5.70
N ALA A 1 5.85 5.47 6.75
CA ALA A 1 4.77 6.34 7.33
C ALA A 1 3.38 5.80 6.95
N LEU A 2 2.69 6.41 6.03
CA LEU A 2 1.33 5.90 5.64
C LEU A 2 1.36 5.33 4.22
N TRP A 3 2.27 4.43 3.94
CA TRP A 3 2.34 3.84 2.56
C TRP A 3 2.18 2.32 2.61
N LYS A 4 2.73 1.66 3.60
CA LYS A 4 2.59 0.19 3.69
C LYS A 4 1.10 -0.19 3.64
N THR A 5 0.25 0.73 4.05
CA THR A 5 -1.22 0.47 4.01
C THR A 5 -1.79 0.89 2.63
N LEU A 6 -0.95 1.14 1.66
CA LEU A 6 -1.45 1.53 0.30
C LEU A 6 -1.26 0.33 -0.63
N LEU A 7 -0.16 -0.35 -0.46
CA LEU A 7 0.13 -1.58 -1.27
C LEU A 7 0.18 -2.79 -0.33
N LYS A 8 -0.77 -2.86 0.58
CA LYS A 8 -0.82 -4.01 1.54
C LYS A 8 -0.87 -5.34 0.78
N LYS A 9 -1.19 -5.28 -0.50
CA LYS A 9 -1.30 -6.50 -1.36
C LYS A 9 -1.83 -6.09 -2.74
N VAL A 10 -2.50 -4.96 -2.82
CA VAL A 10 -3.07 -4.47 -4.12
C VAL A 10 -1.97 -3.97 -5.09
N LEU A 11 -0.71 -4.26 -4.82
CA LEU A 11 0.37 -3.78 -5.73
C LEU A 11 0.14 -2.30 -6.08
N LYS A 12 0.15 -1.44 -5.08
CA LYS A 12 -0.08 0.01 -5.28
C LYS A 12 -1.48 0.28 -5.86
N ALA A 13 -2.45 0.49 -5.01
CA ALA A 13 -3.83 0.76 -5.48
C ALA A 13 -4.68 1.34 -4.35
N NH2 A 14 -4.92 2.63 -4.31
HN1 NH2 A 14 -4.56 3.20 -5.02
HN2 NH2 A 14 -5.44 3.01 -3.58
N DOA B . 2.80 9.40 2.89
C1 DOA B . 2.85 10.05 4.36
C2 DOA B . 2.87 11.62 4.41
C3 DOA B . 4.31 12.27 4.53
C4 DOA B . 5.22 12.10 3.24
C5 DOA B . 6.15 10.80 3.22
C6 DOA B . 5.96 9.83 1.97
C7 DOA B . 5.27 8.44 2.28
C8 DOA B . 6.21 7.17 2.09
C9 DOA B . 7.43 7.11 3.12
C10 DOA B . 7.86 5.64 3.54
CA2 DOA B . 7.45 5.23 5.00
C DOA B . 6.02 5.60 5.41
O DOA B . 5.30 6.33 4.80
H2 DOA B . 1.75 8.99 2.72
H DOA B . 2.94 10.20 2.12
HA1 DOA B . 3.70 9.66 4.96
HA2 DOA B . 1.93 9.69 4.92
H21 DOA B . 2.34 12.04 3.52
H22 DOA B . 2.28 11.96 5.30
H31 DOA B . 4.83 11.87 5.43
H32 DOA B . 4.17 13.36 4.72
H41 DOA B . 5.88 13.01 3.17
H42 DOA B . 4.57 12.15 2.34
H51 DOA B . 7.21 11.14 3.24
H52 DOA B . 6.01 10.22 4.16
H61 DOA B . 6.97 9.64 1.52
H62 DOA B . 5.39 10.34 1.16
H71 DOA B . 4.27 8.29 1.67
H72 DOA B . 4.70 8.38 3.28
H81 DOA B . 5.60 6.25 2.20
H82 DOA B . 6.61 7.16 1.05
H91 DOA B . 8.31 7.61 2.65
H92 DOA B . 7.19 7.70 4.02
H101 DOA B . 7.45 4.89 2.81
H102 DOA B . 8.98 5.56 3.46
HA21 DOA B . 7.55 4.11 5.10
HA22 DOA B . 8.15 5.69 5.73
N ALA A 1 5.49 7.64 5.26
CA ALA A 1 4.44 8.71 5.11
C ALA A 1 3.04 8.11 4.95
N LEU A 2 2.77 7.01 5.62
CA LEU A 2 1.43 6.35 5.51
C LEU A 2 1.28 5.77 4.12
N TRP A 3 1.94 4.68 3.88
CA TRP A 3 1.89 4.07 2.53
C TRP A 3 2.00 2.55 2.60
N LYS A 4 2.81 2.01 3.49
CA LYS A 4 2.97 0.55 3.62
C LYS A 4 1.61 -0.14 3.55
N THR A 5 0.57 0.54 3.92
CA THR A 5 -0.78 -0.05 3.82
C THR A 5 -1.29 0.10 2.38
N LEU A 6 -1.02 1.21 1.74
CA LEU A 6 -1.47 1.44 0.32
C LEU A 6 -1.17 0.22 -0.54
N LEU A 7 -0.10 -0.46 -0.26
CA LEU A 7 0.23 -1.70 -1.03
C LEU A 7 0.06 -2.90 -0.11
N LYS A 8 -1.01 -2.92 0.62
CA LYS A 8 -1.30 -4.04 1.54
C LYS A 8 -1.39 -5.35 0.76
N LYS A 9 -1.44 -5.27 -0.55
CA LYS A 9 -1.55 -6.47 -1.43
C LYS A 9 -1.98 -6.04 -2.84
N VAL A 10 -2.57 -4.87 -2.92
CA VAL A 10 -3.03 -4.33 -4.23
C VAL A 10 -1.85 -3.91 -5.10
N LEU A 11 -0.62 -4.12 -4.64
CA LEU A 11 0.57 -3.71 -5.45
C LEU A 11 0.31 -2.31 -5.95
N LYS A 12 0.15 -1.38 -5.04
CA LYS A 12 -0.15 0.00 -5.43
C LYS A 12 -1.33 0.03 -6.47
N ALA A 13 -2.56 0.28 -5.98
CA ALA A 13 -3.70 0.49 -6.83
C ALA A 13 -3.71 2.02 -6.59
N NH2 A 14 -4.50 2.60 -7.65
HN1 NH2 A 14 -5.51 2.56 -7.88
HN2 NH2 A 14 -3.89 2.76 -8.46
N DOA B . 2.86 8.52 -0.38
C1 DOA B . 1.95 7.27 -0.72
C2 DOA B . 1.69 6.97 -2.25
C3 DOA B . 2.96 6.93 -3.19
C4 DOA B . 3.81 5.60 -3.13
C5 DOA B . 4.75 5.41 -1.88
C6 DOA B . 5.77 6.59 -1.60
C7 DOA B . 5.49 7.42 -0.25
C8 DOA B . 6.78 7.44 0.73
C9 DOA B . 7.10 6.08 1.45
C10 DOA B . 7.93 6.21 2.80
CA2 DOA B . 7.13 6.28 4.18
C DOA B . 5.72 6.94 4.14
O DOA B . 5.08 7.17 3.16
H2 DOA B . 2.96 9.19 -1.27
H DOA B . 2.33 9.14 0.40
HA1 DOA B . 0.94 7.48 -0.26
HA2 DOA B . 2.30 6.36 -0.22
H21 DOA B . 1.14 6.00 -2.34
H22 DOA B . 0.99 7.75 -2.66
H31 DOA B . 3.60 7.80 -3.01
H32 DOA B . 2.60 7.05 -4.25
H41 DOA B . 4.46 5.55 -4.05
H42 DOA B . 3.13 4.73 -3.18
H51 DOA B . 4.16 5.19 -0.98
H52 DOA B . 5.35 4.47 -2.05
H61 DOA B . 5.80 7.29 -2.46
H62 DOA B . 6.79 6.15 -1.55
H71 DOA B . 4.50 7.16 0.33
H72 DOA B . 5.09 8.52 -0.45
H81 DOA B . 7.68 7.77 0.18
H82 DOA B . 6.60 8.22 1.52
H91 DOA B . 6.16 5.55 1.66
H92 DOA B . 7.69 5.43 0.75
H101 DOA B . 8.62 5.32 2.86
H102 DOA B . 8.58 7.10 2.73
HA21 DOA B . 7.00 5.26 4.58
HA22 DOA B . 7.75 6.82 4.91
N ALA A 1 5.30 6.70 6.22
CA ALA A 1 4.26 7.74 6.52
C ALA A 1 2.91 7.39 5.87
N LEU A 2 2.40 6.22 6.17
CA LEU A 2 1.08 5.76 5.61
C LEU A 2 1.21 5.31 4.15
N TRP A 3 2.11 4.41 3.87
CA TRP A 3 2.28 3.90 2.47
C TRP A 3 2.14 2.38 2.45
N LYS A 4 2.73 1.69 3.40
CA LYS A 4 2.64 0.22 3.42
C LYS A 4 1.17 -0.21 3.52
N THR A 5 0.31 0.68 3.96
CA THR A 5 -1.14 0.37 4.03
C THR A 5 -1.79 0.71 2.66
N LEU A 6 -0.98 1.06 1.67
CA LEU A 6 -1.51 1.39 0.30
C LEU A 6 -1.23 0.19 -0.60
N LEU A 7 -0.10 -0.43 -0.40
CA LEU A 7 0.24 -1.66 -1.20
C LEU A 7 0.21 -2.86 -0.27
N LYS A 8 -0.76 -2.90 0.60
CA LYS A 8 -0.89 -4.03 1.56
C LYS A 8 -1.07 -5.36 0.80
N LYS A 9 -1.29 -5.29 -0.49
CA LYS A 9 -1.49 -6.51 -1.34
C LYS A 9 -1.95 -6.09 -2.73
N VAL A 10 -2.52 -4.90 -2.84
CA VAL A 10 -3.01 -4.39 -4.14
C VAL A 10 -1.86 -3.89 -5.03
N LEU A 11 -0.60 -4.05 -4.62
CA LEU A 11 0.54 -3.55 -5.44
C LEU A 11 0.21 -2.14 -5.95
N LYS A 12 0.04 -1.22 -5.04
CA LYS A 12 -0.33 0.17 -5.40
C LYS A 12 -1.54 0.21 -6.34
N ALA A 13 -2.73 0.13 -5.80
CA ALA A 13 -3.95 0.17 -6.65
C ALA A 13 -4.47 1.60 -6.80
N NH2 A 14 -4.61 2.11 -7.98
HN1 NH2 A 14 -4.39 1.58 -8.78
HN2 NH2 A 14 -4.95 3.02 -8.09
N DOA B . 3.00 9.65 1.65
C1 DOA B . 1.76 9.16 0.75
C2 DOA B . 1.63 9.83 -0.67
C3 DOA B . 2.90 9.89 -1.61
C4 DOA B . 3.65 8.51 -1.82
C5 DOA B . 5.22 8.56 -1.63
C6 DOA B . 5.77 9.03 -0.23
C7 DOA B . 5.28 8.21 1.05
C8 DOA B . 6.17 6.92 1.39
C9 DOA B . 7.56 7.14 2.13
C10 DOA B . 7.50 7.52 3.67
CA2 DOA B . 7.01 6.38 4.63
C DOA B . 5.52 6.49 4.91
O DOA B . 4.82 7.08 4.15
H2 DOA B . 3.45 10.57 1.21
H DOA B . 2.58 9.98 2.65
HA1 DOA B . 0.82 9.40 1.31
HA2 DOA B . 1.75 8.05 0.63
H21 DOA B . 0.81 9.31 -1.23
H22 DOA B . 1.26 10.89 -0.53
H31 DOA B . 3.59 10.67 -1.24
H32 DOA B . 2.57 10.25 -2.61
H41 DOA B . 3.46 8.16 -2.87
H42 DOA B . 3.23 7.71 -1.18
H51 DOA B . 5.63 7.53 -1.84
H52 DOA B . 5.65 9.24 -2.41
H61 DOA B . 5.56 10.11 -0.07
H62 DOA B . 6.88 8.97 -0.26
H71 DOA B . 4.18 7.92 1.04
H72 DOA B . 5.10 8.92 1.98
H81 DOA B . 5.57 6.21 1.98
H82 DOA B . 6.38 6.38 0.43
H91 DOA B . 8.16 6.20 2.03
H92 DOA B . 8.12 7.94 1.60
H101 DOA B . 8.54 7.82 3.97
H102 DOA B . 6.87 8.43 3.80
HA21 DOA B . 7.21 5.38 4.19
HA22 DOA B . 7.58 6.44 5.61
N ALA A 1 5.26 6.67 6.32
CA ALA A 1 4.29 7.80 6.56
C ALA A 1 2.93 7.48 5.93
N LEU A 2 2.43 6.29 6.17
CA LEU A 2 1.10 5.86 5.61
C LEU A 2 1.22 5.40 4.16
N TRP A 3 2.01 4.38 3.91
CA TRP A 3 2.15 3.90 2.50
C TRP A 3 2.05 2.38 2.44
N LYS A 4 2.65 1.68 3.36
CA LYS A 4 2.61 0.22 3.32
C LYS A 4 1.16 -0.22 3.44
N THR A 5 0.31 0.68 3.87
CA THR A 5 -1.14 0.37 3.95
C THR A 5 -1.76 0.70 2.58
N LEU A 6 -0.93 1.06 1.62
CA LEU A 6 -1.42 1.38 0.25
C LEU A 6 -1.14 0.17 -0.63
N LEU A 7 -0.07 -0.51 -0.38
CA LEU A 7 0.25 -1.73 -1.17
C LEU A 7 0.24 -2.95 -0.24
N LYS A 8 -0.68 -2.95 0.69
CA LYS A 8 -0.80 -4.10 1.62
C LYS A 8 -0.94 -5.40 0.82
N LYS A 9 -1.31 -5.26 -0.43
CA LYS A 9 -1.49 -6.44 -1.33
C LYS A 9 -1.99 -5.97 -2.71
N VAL A 10 -2.52 -4.77 -2.78
CA VAL A 10 -3.03 -4.22 -4.06
C VAL A 10 -1.89 -3.72 -4.95
N LEU A 11 -0.66 -4.10 -4.68
CA LEU A 11 0.47 -3.63 -5.52
C LEU A 11 0.30 -2.15 -5.81
N LYS A 12 0.35 -1.32 -4.78
CA LYS A 12 0.16 0.13 -4.95
C LYS A 12 -1.26 0.40 -5.47
N ALA A 13 -2.22 0.67 -4.56
CA ALA A 13 -3.64 0.92 -5.04
C ALA A 13 -4.63 1.54 -4.08
N NH2 A 14 -3.99 1.73 -2.89
HN1 NH2 A 14 -3.51 1.00 -2.32
HN2 NH2 A 14 -3.58 2.67 -2.78
N DOA B . 3.52 10.23 1.46
C1 DOA B . 4.04 11.55 2.20
C2 DOA B . 5.19 12.34 1.47
C3 DOA B . 6.68 11.97 1.92
C4 DOA B . 7.68 11.56 0.75
C5 DOA B . 7.83 10.02 0.53
C6 DOA B . 6.52 9.29 -0.02
C7 DOA B . 5.70 8.51 1.07
C8 DOA B . 6.28 7.04 1.48
C9 DOA B . 7.46 7.03 2.56
C10 DOA B . 7.58 5.72 3.44
CA2 DOA B . 6.99 5.83 4.91
C DOA B . 5.62 6.52 5.03
O DOA B . 5.13 7.23 4.22
H2 DOA B . 2.49 10.01 1.87
H DOA B . 3.38 10.43 0.37
HA1 DOA B . 4.34 11.31 3.26
HA2 DOA B . 3.16 12.24 2.30
H21 DOA B . 5.08 12.21 0.37
H22 DOA B . 5.04 13.44 1.65
H31 DOA B . 6.65 11.15 2.67
H32 DOA B . 7.11 12.86 2.46
H41 DOA B . 8.69 11.98 1.00
H42 DOA B . 7.38 12.07 -0.21
H51 DOA B . 8.67 9.85 -0.21
H52 DOA B . 8.16 9.56 1.46
H61 DOA B . 6.84 8.59 -0.84
H62 DOA B . 5.87 10.04 -0.49
H71 DOA B . 4.58 8.40 0.74
H72 DOA B . 5.38 9.14 2.00
H81 DOA B . 5.46 6.44 1.86
H82 DOA B . 6.66 6.50 0.56
H91 DOA B . 8.44 7.16 2.02
H92 DOA B . 7.35 7.90 3.23
H101 DOA B . 7.09 4.88 2.90
H102 DOA B . 8.66 5.44 3.52
HA21 DOA B . 6.90 4.80 5.35
HA22 DOA B . 7.72 6.38 5.55
N ALA A 1 5.41 6.89 6.28
CA ALA A 1 4.40 7.96 5.84
C ALA A 1 3.01 7.36 5.66
N LEU A 2 2.69 6.27 6.33
CA LEU A 2 1.33 5.65 6.14
C LEU A 2 1.20 5.27 4.65
N TRP A 3 2.06 4.40 4.23
CA TRP A 3 2.11 3.97 2.80
C TRP A 3 2.01 2.44 2.67
N LYS A 4 2.60 1.71 3.59
CA LYS A 4 2.56 0.25 3.50
C LYS A 4 1.11 -0.26 3.51
N THR A 5 0.19 0.54 3.99
CA THR A 5 -1.24 0.15 3.96
C THR A 5 -1.86 0.60 2.62
N LEU A 6 -1.02 0.99 1.66
CA LEU A 6 -1.50 1.41 0.30
C LEU A 6 -1.15 0.30 -0.68
N LEU A 7 0.03 -0.27 -0.50
CA LEU A 7 0.47 -1.40 -1.36
C LEU A 7 0.57 -2.67 -0.48
N LYS A 8 -0.29 -2.76 0.49
CA LYS A 8 -0.27 -3.93 1.43
C LYS A 8 -0.76 -5.22 0.75
N LYS A 9 -1.25 -5.12 -0.46
CA LYS A 9 -1.78 -6.31 -1.19
C LYS A 9 -2.28 -5.89 -2.58
N VAL A 10 -2.65 -4.65 -2.74
CA VAL A 10 -3.15 -4.14 -4.05
C VAL A 10 -2.01 -3.90 -5.05
N LEU A 11 -0.84 -4.46 -4.83
CA LEU A 11 0.31 -4.24 -5.76
C LEU A 11 0.43 -2.76 -6.12
N LYS A 12 0.69 -1.93 -5.14
CA LYS A 12 0.82 -0.45 -5.38
C LYS A 12 -0.49 0.14 -5.91
N ALA A 13 -1.36 0.56 -5.02
CA ALA A 13 -2.67 1.15 -5.47
C ALA A 13 -3.28 2.01 -4.35
N NH2 A 14 -4.37 2.68 -4.58
HN1 NH2 A 14 -4.80 2.62 -5.47
HN2 NH2 A 14 -4.76 3.23 -3.88
N DOA B . 7.40 10.98 2.85
C1 DOA B . 7.75 12.04 1.70
C2 DOA B . 7.28 11.72 0.22
C3 DOA B . 5.73 11.54 0.03
C4 DOA B . 5.27 10.25 -0.77
C5 DOA B . 5.83 8.85 -0.31
C6 DOA B . 5.76 8.53 1.23
C7 DOA B . 7.18 8.41 1.93
C8 DOA B . 7.81 6.95 1.84
C9 DOA B . 7.28 5.93 2.94
C10 DOA B . 8.18 5.80 4.24
CA2 DOA B . 7.37 5.76 5.59
C DOA B . 6.69 7.10 5.91
O DOA B . 6.99 8.09 5.34
H2 DOA B . 7.88 11.38 3.80
H DOA B . 6.31 10.99 3.06
HA1 DOA B . 8.86 12.21 1.70
HA2 DOA B . 7.30 13.02 1.99
H21 DOA B . 7.62 12.58 -0.42
H22 DOA B . 7.84 10.85 -0.16
H31 DOA B . 5.34 12.43 -0.53
H32 DOA B . 5.21 11.58 1.00
H41 DOA B . 5.54 10.41 -1.86
H42 DOA B . 4.16 10.21 -0.75
H51 DOA B . 5.24 8.06 -0.86
H52 DOA B . 6.89 8.72 -0.67
H61 DOA B . 5.20 7.57 1.37
H62 DOA B . 5.14 9.29 1.75
H71 DOA B . 7.22 8.81 3.02
H72 DOA B . 7.94 9.23 1.58
H81 DOA B . 7.59 6.52 0.82
H82 DOA B . 8.92 7.01 1.89
H91 DOA B . 6.25 6.20 3.23
H92 DOA B . 7.19 4.91 2.47
H101 DOA B . 8.78 4.86 4.16
H102 DOA B . 8.90 6.65 4.28
HA21 DOA B . 6.62 4.95 5.56
HA22 DOA B . 8.07 5.54 6.43
N ALA A 1 5.87 7.01 5.27
CA ALA A 1 4.85 8.04 4.76
C ALA A 1 3.43 7.44 4.75
N LEU A 2 3.13 6.43 5.54
CA LEU A 2 1.76 5.83 5.50
C LEU A 2 1.52 5.32 4.08
N TRP A 3 2.36 4.42 3.67
CA TRP A 3 2.31 3.85 2.28
C TRP A 3 2.17 2.33 2.31
N LYS A 4 2.71 1.69 3.31
CA LYS A 4 2.62 0.22 3.40
C LYS A 4 1.16 -0.22 3.56
N THR A 5 0.29 0.71 3.91
CA THR A 5 -1.16 0.38 4.02
C THR A 5 -1.84 0.74 2.68
N LEU A 6 -1.04 1.02 1.65
CA LEU A 6 -1.58 1.35 0.28
C LEU A 6 -1.33 0.15 -0.64
N LEU A 7 -0.25 -0.53 -0.40
CA LEU A 7 0.12 -1.74 -1.21
C LEU A 7 0.04 -3.00 -0.33
N LYS A 8 -0.78 -2.96 0.70
CA LYS A 8 -0.92 -4.13 1.63
C LYS A 8 -0.91 -5.44 0.84
N LYS A 9 -1.50 -5.39 -0.32
CA LYS A 9 -1.57 -6.57 -1.21
C LYS A 9 -2.22 -6.15 -2.55
N VAL A 10 -2.16 -4.88 -2.86
CA VAL A 10 -2.78 -4.38 -4.11
C VAL A 10 -1.73 -3.73 -5.01
N LEU A 11 -0.45 -3.89 -4.68
CA LEU A 11 0.62 -3.25 -5.49
C LEU A 11 0.23 -1.78 -5.73
N LYS A 12 -0.02 -1.08 -4.65
CA LYS A 12 -0.45 0.34 -4.70
C LYS A 12 -1.86 0.48 -5.30
N ALA A 13 -2.01 0.20 -6.58
CA ALA A 13 -3.35 0.31 -7.26
C ALA A 13 -3.93 1.73 -7.08
N NH2 A 14 -4.76 1.97 -6.10
HN1 NH2 A 14 -5.01 1.26 -5.46
HN2 NH2 A 14 -5.13 2.87 -5.99
N DOA B . 7.70 10.64 0.90
C1 DOA B . 6.17 11.05 0.95
C2 DOA B . 5.64 11.74 -0.36
C3 DOA B . 5.73 10.91 -1.69
C4 DOA B . 4.87 9.58 -1.71
C5 DOA B . 5.70 8.23 -1.62
C6 DOA B . 5.88 7.63 -0.16
C7 DOA B . 7.32 7.85 0.50
C8 DOA B . 8.11 6.47 0.73
C9 DOA B . 7.56 5.60 1.95
C10 DOA B . 8.48 5.53 3.24
CA2 DOA B . 7.73 5.71 4.60
C DOA B . 7.11 7.10 4.76
O DOA B . 7.38 7.98 4.01
H2 DOA B . 8.17 11.09 -0.02
H DOA B . 8.23 11.17 1.76
HA1 DOA B . 6.03 11.76 1.80
HA2 DOA B . 5.55 10.18 1.19
H21 DOA B . 4.57 12.04 -0.20
H22 DOA B . 6.19 12.71 -0.51
H31 DOA B . 6.78 10.68 -1.93
H32 DOA B . 5.38 11.56 -2.53
H41 DOA B . 4.27 9.56 -2.67
H42 DOA B . 4.10 9.62 -0.90
H51 DOA B . 5.15 7.45 -2.24
H52 DOA B . 6.69 8.34 -2.11
H61 DOA B . 5.69 6.53 -0.22
H62 DOA B . 5.09 8.00 0.51
H71 DOA B . 7.31 8.50 1.48
H72 DOA B . 8.01 8.64 -0.02
H81 DOA B . 9.20 6.67 0.87
H82 DOA B . 8.05 5.87 -0.21
H91 DOA B . 6.55 5.97 2.23
H92 DOA B . 7.39 4.55 1.59
H101 DOA B . 9.01 4.54 3.25
H102 DOA B . 9.28 6.31 3.18
HA21 DOA B . 6.94 4.94 4.71
HA22 DOA B . 8.44 5.56 5.45
N ALA A 1 5.17 7.51 5.35
CA ALA A 1 4.03 8.46 5.57
C ALA A 1 2.68 7.84 5.15
N LEU A 2 2.36 6.71 5.73
CA LEU A 2 1.07 5.99 5.43
C LEU A 2 1.04 5.45 4.00
N TRP A 3 2.04 4.70 3.61
CA TRP A 3 2.08 4.10 2.24
C TRP A 3 2.23 2.59 2.32
N LYS A 4 2.88 2.09 3.35
CA LYS A 4 3.06 0.64 3.51
C LYS A 4 1.73 -0.02 3.88
N THR A 5 0.68 0.77 3.97
CA THR A 5 -0.66 0.25 4.27
C THR A 5 -1.55 0.49 3.02
N LEU A 6 -0.96 0.95 1.94
CA LEU A 6 -1.73 1.18 0.67
C LEU A 6 -1.54 -0.06 -0.20
N LEU A 7 -0.31 -0.48 -0.27
CA LEU A 7 0.05 -1.71 -1.04
C LEU A 7 -0.18 -2.96 -0.18
N LYS A 8 -1.25 -2.97 0.58
CA LYS A 8 -1.57 -4.12 1.46
C LYS A 8 -1.45 -5.44 0.69
N LYS A 9 -1.59 -5.34 -0.61
CA LYS A 9 -1.54 -6.50 -1.54
C LYS A 9 -1.87 -6.04 -2.97
N VAL A 10 -2.52 -4.88 -3.09
CA VAL A 10 -2.89 -4.33 -4.43
C VAL A 10 -1.67 -3.86 -5.24
N LEU A 11 -0.46 -4.21 -4.82
CA LEU A 11 0.74 -3.78 -5.57
C LEU A 11 0.62 -2.27 -5.86
N LYS A 12 0.52 -1.48 -4.82
CA LYS A 12 0.38 0.00 -4.98
C LYS A 12 -0.91 0.35 -5.74
N ALA A 13 -1.97 0.65 -5.02
CA ALA A 13 -3.26 1.01 -5.69
C ALA A 13 -4.07 1.94 -4.79
N NH2 A 14 -4.33 1.59 -3.55
HN1 NH2 A 14 -3.98 0.74 -3.21
HN2 NH2 A 14 -4.86 2.18 -2.97
N DOA B . 2.13 9.58 0.45
C1 DOA B . 2.41 11.04 1.07
C2 DOA B . 2.74 12.20 0.03
C3 DOA B . 4.09 12.98 0.29
C4 DOA B . 5.36 12.39 -0.46
C5 DOA B . 5.83 10.98 0.05
C6 DOA B . 5.25 9.74 -0.73
C7 DOA B . 4.67 8.58 0.18
C8 DOA B . 5.66 7.34 0.45
C9 DOA B . 7.08 7.65 1.09
C10 DOA B . 7.10 8.21 2.56
CA2 DOA B . 6.82 7.17 3.70
C DOA B . 5.33 7.13 4.08
O DOA B . 4.53 7.52 3.28
H2 DOA B . 1.17 9.18 0.90
H DOA B . 1.91 9.67 -0.65
HA1 DOA B . 3.19 10.98 1.85
HA2 DOA B . 1.48 11.34 1.65
H21 DOA B . 2.74 11.81 -1.01
H22 DOA B . 1.90 12.95 0.06
H31 DOA B . 4.30 13.05 1.38
H32 DOA B . 3.96 14.04 -0.07
H41 DOA B . 6.20 13.12 -0.32
H42 DOA B . 5.16 12.36 -1.56
H51 DOA B . 6.95 10.95 -0.01
H52 DOA B . 5.60 10.89 1.14
H61 DOA B . 6.04 9.31 -1.39
H62 DOA B . 4.45 10.07 -1.43
H71 DOA B . 3.66 8.17 -0.24
H72 DOA B . 4.13 8.94 1.15
H81 DOA B . 5.14 6.60 1.09
H82 DOA B . 5.82 6.82 -0.53
H91 DOA B . 7.67 6.70 1.06
H92 DOA B . 7.62 8.36 0.43
H101 DOA B . 8.11 8.66 2.75
H102 DOA B . 6.37 9.04 2.64
HA21 DOA B . 7.11 6.14 3.39
HA22 DOA B . 7.42 7.43 4.61
N ALA A 1 5.57 8.34 4.93
CA ALA A 1 4.35 9.20 5.08
C ALA A 1 3.03 8.45 4.76
N LEU A 2 2.81 7.34 5.43
CA LEU A 2 1.54 6.54 5.26
C LEU A 2 1.40 5.95 3.86
N TRP A 3 1.92 4.77 3.70
CA TRP A 3 1.83 4.08 2.38
C TRP A 3 2.00 2.56 2.52
N LYS A 4 2.81 2.10 3.45
CA LYS A 4 3.03 0.65 3.64
C LYS A 4 1.70 -0.10 3.63
N THR A 5 0.63 0.54 4.01
CA THR A 5 -0.71 -0.09 3.98
C THR A 5 -1.31 0.06 2.58
N LEU A 6 -1.02 1.15 1.90
CA LEU A 6 -1.56 1.39 0.49
C LEU A 6 -1.27 0.19 -0.41
N LEU A 7 -0.14 -0.45 -0.21
CA LEU A 7 0.19 -1.65 -1.05
C LEU A 7 0.07 -2.87 -0.14
N LYS A 8 -0.99 -2.94 0.61
CA LYS A 8 -1.24 -4.08 1.52
C LYS A 8 -1.37 -5.39 0.73
N LYS A 9 -1.57 -5.27 -0.55
CA LYS A 9 -1.74 -6.46 -1.46
C LYS A 9 -2.09 -5.99 -2.87
N VAL A 10 -2.63 -4.80 -3.00
CA VAL A 10 -3.00 -4.25 -4.33
C VAL A 10 -1.77 -3.87 -5.18
N LEU A 11 -0.57 -4.23 -4.75
CA LEU A 11 0.66 -3.86 -5.53
C LEU A 11 0.56 -2.39 -5.94
N LYS A 12 0.43 -1.51 -4.96
CA LYS A 12 0.30 -0.05 -5.21
C LYS A 12 -1.04 0.28 -5.89
N ALA A 13 -1.26 -0.19 -7.10
CA ALA A 13 -2.54 0.08 -7.84
C ALA A 13 -2.64 1.56 -8.22
N NH2 A 14 -2.90 2.46 -7.31
HN1 NH2 A 14 -3.03 2.17 -6.38
HN2 NH2 A 14 -2.98 3.40 -7.56
N DOA B . 3.26 9.80 0.42
C1 DOA B . 1.89 10.39 -0.25
C2 DOA B . 0.85 9.34 -0.93
C3 DOA B . 1.24 8.71 -2.37
C4 DOA B . 1.84 7.18 -2.41
C5 DOA B . 3.40 6.98 -2.84
C6 DOA B . 4.44 6.53 -1.69
C7 DOA B . 4.83 7.65 -0.59
C8 DOA B . 6.27 7.57 0.05
C9 DOA B . 6.39 6.39 1.09
C10 DOA B . 7.51 6.60 2.20
CA2 DOA B . 6.94 6.91 3.62
C DOA B . 5.93 8.05 3.67
O DOA B . 5.28 8.48 2.74
H2 DOA B . 4.06 10.60 0.42
H DOA B . 3.07 9.53 1.50
HA1 DOA B . 2.17 11.18 -1.00
HA2 DOA B . 1.35 10.94 0.56
H21 DOA B . 0.60 8.53 -0.21
H22 DOA B . -0.12 9.90 -1.07
H31 DOA B . 1.93 9.40 -2.92
H32 DOA B . 0.31 8.70 -3.01
H41 DOA B . 1.22 6.61 -3.16
H42 DOA B . 1.64 6.66 -1.45
H51 DOA B . 3.43 6.19 -3.63
H52 DOA B . 3.79 7.90 -3.35
H61 DOA B . 5.39 6.18 -2.18
H62 DOA B . 4.03 5.64 -1.15
H71 DOA B . 3.96 7.74 0.20
H72 DOA B . 4.57 8.73 -1.00
H81 DOA B . 7.03 7.42 -0.75
H82 DOA B . 6.50 8.54 0.54
H91 DOA B . 5.42 6.25 1.57
H92 DOA B . 6.61 5.44 0.52
H101 DOA B . 8.13 5.67 2.27
H102 DOA B . 8.20 7.42 1.90
HA21 DOA B . 6.45 6.01 4.06
HA22 DOA B . 7.79 7.18 4.30
N ALA A 1 5.39 6.44 6.41
CA ALA A 1 4.38 7.55 6.63
C ALA A 1 3.05 7.24 5.95
N LEU A 2 2.50 6.07 6.19
CA LEU A 2 1.18 5.68 5.58
C LEU A 2 1.33 5.25 4.12
N TRP A 3 2.13 4.26 3.87
CA TRP A 3 2.31 3.77 2.46
C TRP A 3 2.09 2.27 2.43
N LYS A 4 2.68 1.54 3.34
CA LYS A 4 2.50 0.08 3.35
C LYS A 4 1.00 -0.23 3.43
N THR A 5 0.23 0.74 3.88
CA THR A 5 -1.23 0.58 3.93
C THR A 5 -1.82 0.92 2.55
N LEU A 6 -0.98 1.11 1.56
CA LEU A 6 -1.45 1.41 0.18
C LEU A 6 -1.16 0.20 -0.68
N LEU A 7 -0.11 -0.52 -0.35
CA LEU A 7 0.23 -1.74 -1.13
C LEU A 7 0.19 -2.96 -0.22
N LYS A 8 -0.71 -2.96 0.74
CA LYS A 8 -0.85 -4.12 1.66
C LYS A 8 -0.88 -5.42 0.84
N LYS A 9 -1.19 -5.29 -0.42
CA LYS A 9 -1.26 -6.45 -1.35
C LYS A 9 -1.82 -5.99 -2.70
N VAL A 10 -2.44 -4.82 -2.74
CA VAL A 10 -3.01 -4.30 -3.99
C VAL A 10 -1.93 -3.75 -4.91
N LEU A 11 -0.67 -4.02 -4.65
CA LEU A 11 0.41 -3.50 -5.54
C LEU A 11 0.14 -2.02 -5.85
N LYS A 12 0.06 -1.21 -4.83
CA LYS A 12 -0.26 0.23 -5.02
C LYS A 12 -1.69 0.43 -5.56
N ALA A 13 -2.47 -0.62 -5.63
CA ALA A 13 -3.81 -0.54 -6.18
C ALA A 13 -4.95 -0.15 -5.23
N NH2 A 14 -6.03 -1.00 -5.57
HN1 NH2 A 14 -6.12 -2.03 -5.51
HN2 NH2 A 14 -6.67 -0.58 -6.23
N DOA B . 3.70 9.35 2.05
C1 DOA B . 3.57 10.99 1.80
C2 DOA B . 4.27 11.60 0.47
C3 DOA B . 5.85 11.96 0.62
C4 DOA B . 6.78 11.51 -0.59
C5 DOA B . 6.98 9.94 -0.86
C6 DOA B . 7.52 9.00 0.38
C7 DOA B . 6.37 8.15 1.20
C8 DOA B . 6.69 6.71 1.62
C9 DOA B . 7.75 6.69 2.76
C10 DOA B . 7.73 5.37 3.60
CA2 DOA B . 7.12 5.52 5.05
C DOA B . 5.75 6.25 5.13
O DOA B . 5.26 6.97 4.29
H2 DOA B . 3.56 9.12 3.15
H DOA B . 2.83 8.82 1.51
HA1 DOA B . 4.00 11.53 2.70
HA2 DOA B . 2.49 11.27 1.79
H21 DOA B . 4.11 10.96 -0.42
H22 DOA B . 3.74 12.53 0.20
H31 DOA B . 6.30 11.59 1.56
H32 DOA B . 5.92 13.06 0.71
H41 DOA B . 7.79 11.96 -0.42
H42 DOA B . 6.37 11.97 -1.51
H51 DOA B . 6.08 9.49 -1.31
H52 DOA B . 7.77 9.87 -1.67
H61 DOA B . 8.07 9.66 1.09
H62 DOA B . 8.28 8.29 -0.04
H71 DOA B . 5.22 8.28 0.71
H72 DOA B . 5.91 8.84 2.16
H81 DOA B . 7.03 6.13 0.72
H82 DOA B . 5.75 6.27 1.97
H91 DOA B . 8.79 6.78 2.29
H92 DOA B . 7.64 7.55 3.43
H101 DOA B . 7.20 4.59 3.04
H102 DOA B . 8.79 5.00 3.72
HA21 DOA B . 6.97 4.51 5.51
HA22 DOA B . 7.84 6.07 5.71
#